data_3G56
#
_entry.id   3G56
#
_cell.length_a   37.421
_cell.length_b   113.761
_cell.length_c   43.392
_cell.angle_alpha   90.00
_cell.angle_beta   93.87
_cell.angle_gamma   90.00
#
_symmetry.space_group_name_H-M   'P 1 21 1'
#
loop_
_entity.id
_entity.type
_entity.pdbx_description
1 polymer "Regulator of macrolide 2'-phosphotransferase I"
2 non-polymer 1,2-ETHANEDIOL
3 non-polymer GLYCEROL
4 water water
#
_entity_poly.entity_id   1
_entity_poly.type   'polypeptide(L)'
_entity_poly.pdbx_seq_one_letter_code
;GMPRPKLKSDDEVLEAATVVLKRCGPIEFTLSGVAKEVGLSRAALIQRFTNRDTLLVRMMERGVEQVRHYLNAIPIGAGP
QGLWEFLQVLVRSMNTRNDFSVNYLISWYELQVPELRTLAIQRNRAVVEGIRKRLPPGAPAAAELLLHSVIAGATMQWAV
DPDGELADHVLAQIAAILCLMFPEHDDFQLLQAHA
;
_entity_poly.pdbx_strand_id   A,B
#
loop_
_chem_comp.id
_chem_comp.type
_chem_comp.name
_chem_comp.formula
EDO non-polymer 1,2-ETHANEDIOL 'C2 H6 O2'
GOL non-polymer GLYCEROL 'C3 H8 O3'
#
# COMPACT_ATOMS: atom_id res chain seq x y z
N SER A 9 32.35 -15.56 -0.61
CA SER A 9 31.58 -15.87 -1.85
C SER A 9 30.80 -14.65 -2.32
N ASP A 10 30.88 -13.57 -1.50
CA ASP A 10 30.26 -12.19 -1.66
C ASP A 10 28.85 -12.04 -2.28
N ASP A 11 28.56 -12.68 -3.41
CA ASP A 11 27.18 -12.65 -4.00
C ASP A 11 26.22 -13.78 -3.49
N GLU A 12 26.83 -14.74 -2.79
CA GLU A 12 26.17 -15.77 -2.06
C GLU A 12 25.51 -15.10 -0.87
N VAL A 13 26.15 -13.99 -0.45
CA VAL A 13 25.88 -13.25 0.76
C VAL A 13 24.59 -12.45 0.61
N LEU A 14 24.37 -11.75 -0.52
CA LEU A 14 23.08 -11.08 -0.77
C LEU A 14 21.97 -12.03 -1.12
N GLU A 15 22.30 -13.19 -1.65
CA GLU A 15 21.31 -14.26 -1.80
C GLU A 15 20.79 -14.75 -0.42
N ALA A 16 21.74 -15.25 0.39
CA ALA A 16 21.44 -15.63 1.76
C ALA A 16 20.73 -14.48 2.42
N ALA A 17 21.22 -13.26 2.24
CA ALA A 17 20.66 -12.14 3.00
C ALA A 17 19.21 -11.79 2.62
N THR A 18 18.90 -11.90 1.34
CA THR A 18 17.49 -11.69 0.91
C THR A 18 16.50 -12.76 1.53
N VAL A 19 16.93 -14.01 1.60
CA VAL A 19 16.26 -15.05 2.43
C VAL A 19 16.03 -14.74 3.88
N VAL A 20 16.97 -14.03 4.53
CA VAL A 20 16.79 -13.61 5.92
C VAL A 20 15.82 -12.45 6.00
N LEU A 21 15.97 -11.45 5.11
CA LEU A 21 15.04 -10.31 5.10
C LEU A 21 13.56 -10.76 4.94
N LYS A 22 13.31 -11.57 3.92
CA LYS A 22 12.04 -12.30 3.71
C LYS A 22 11.48 -12.87 5.05
N ARG A 23 12.31 -13.66 5.75
CA ARG A 23 11.98 -14.35 7.01
C ARG A 23 11.61 -13.49 8.21
N CYS A 24 12.28 -12.37 8.43
CA CYS A 24 12.08 -11.68 9.65
C CYS A 24 11.97 -10.18 9.52
N GLY A 25 11.92 -9.63 8.28
CA GLY A 25 11.72 -8.18 8.11
C GLY A 25 13.01 -7.38 8.40
N PRO A 26 13.03 -6.11 8.00
CA PRO A 26 14.24 -5.25 7.95
C PRO A 26 14.64 -4.74 9.29
N ILE A 27 13.72 -4.76 10.26
CA ILE A 27 14.01 -4.33 11.65
C ILE A 27 14.69 -5.42 12.40
N GLU A 28 14.27 -6.67 12.24
CA GLU A 28 15.01 -7.77 12.84
C GLU A 28 16.16 -8.39 11.98
N PHE A 29 16.32 -7.94 10.73
CA PHE A 29 17.35 -8.41 9.82
C PHE A 29 18.63 -7.88 10.44
N THR A 30 19.64 -8.72 10.66
CA THR A 30 20.90 -8.29 11.26
C THR A 30 21.99 -9.04 10.53
N LEU A 31 23.21 -8.47 10.60
CA LEU A 31 24.36 -9.13 10.03
C LEU A 31 24.60 -10.54 10.63
N SER A 32 24.28 -10.74 11.90
CA SER A 32 24.41 -12.02 12.55
C SER A 32 23.48 -13.09 11.93
N GLY A 33 22.23 -12.72 11.67
CA GLY A 33 21.26 -13.63 11.05
C GLY A 33 21.70 -14.10 9.64
N VAL A 34 22.26 -13.20 8.84
CA VAL A 34 22.82 -13.47 7.46
C VAL A 34 24.09 -14.30 7.56
N ALA A 35 24.93 -14.03 8.54
CA ALA A 35 26.16 -14.77 8.76
C ALA A 35 25.77 -16.20 9.11
N LYS A 36 24.74 -16.33 9.98
CA LYS A 36 24.13 -17.64 10.14
C LYS A 36 23.58 -18.24 8.84
N GLU A 37 22.72 -17.55 8.10
CA GLU A 37 22.09 -18.16 6.91
C GLU A 37 23.14 -18.61 5.93
N VAL A 38 24.32 -17.97 5.98
CA VAL A 38 25.27 -18.08 4.87
C VAL A 38 26.39 -18.97 5.30
N GLY A 39 26.67 -18.96 6.59
CA GLY A 39 27.65 -19.89 7.18
C GLY A 39 29.00 -19.29 7.40
N LEU A 40 29.03 -18.01 7.72
CA LEU A 40 30.25 -17.31 8.08
C LEU A 40 29.97 -16.68 9.42
N SER A 41 30.92 -15.88 9.85
CA SER A 41 30.81 -15.28 11.16
C SER A 41 30.28 -13.88 11.10
N ARG A 42 29.65 -13.47 12.18
CA ARG A 42 29.18 -12.12 12.25
C ARG A 42 30.31 -11.18 11.89
N ALA A 43 31.45 -11.48 12.54
CA ALA A 43 32.72 -10.70 12.46
C ALA A 43 33.09 -10.42 11.03
N ALA A 44 33.12 -11.46 10.20
CA ALA A 44 33.36 -11.36 8.78
C ALA A 44 32.27 -10.52 8.07
N LEU A 45 31.00 -10.65 8.47
CA LEU A 45 29.94 -9.90 7.80
C LEU A 45 30.06 -8.45 8.12
N ILE A 46 30.43 -8.12 9.35
CA ILE A 46 30.69 -6.74 9.70
C ILE A 46 31.84 -6.16 8.92
N GLN A 47 32.90 -6.92 8.67
CA GLN A 47 34.08 -6.19 8.04
C GLN A 47 33.81 -6.11 6.51
N ARG A 48 33.03 -7.04 6.02
CA ARG A 48 32.59 -6.98 4.66
C ARG A 48 31.51 -5.87 4.42
N PHE A 49 30.43 -5.79 5.21
CA PHE A 49 29.37 -4.85 4.90
C PHE A 49 29.20 -3.71 5.85
N THR A 50 30.04 -3.67 6.87
CA THR A 50 29.97 -2.66 7.93
C THR A 50 28.67 -2.66 8.75
N ASN A 51 27.48 -2.44 8.14
CA ASN A 51 26.24 -2.49 8.92
C ASN A 51 25.04 -3.07 8.18
N ARG A 52 23.93 -3.27 8.91
CA ARG A 52 22.68 -3.77 8.33
C ARG A 52 22.25 -2.99 7.11
N ASP A 53 22.30 -1.69 7.23
CA ASP A 53 21.74 -0.78 6.24
C ASP A 53 22.55 -0.64 4.91
N THR A 54 23.89 -0.58 5.02
CA THR A 54 24.78 -0.81 3.89
C THR A 54 24.44 -2.06 3.20
N LEU A 55 24.30 -3.18 3.95
CA LEU A 55 23.96 -4.46 3.28
C LEU A 55 22.59 -4.43 2.57
N LEU A 56 21.60 -3.77 3.13
CA LEU A 56 20.26 -3.68 2.45
C LEU A 56 20.36 -2.77 1.22
N VAL A 57 21.17 -1.70 1.30
CA VAL A 57 21.46 -0.88 0.08
C VAL A 57 22.00 -1.67 -1.09
N ARG A 58 22.79 -2.77 -0.86
CA ARG A 58 23.47 -3.50 -1.88
C ARG A 58 22.52 -4.45 -2.47
N MET A 59 21.78 -5.11 -1.55
CA MET A 59 20.83 -6.17 -1.94
C MET A 59 19.77 -5.47 -2.85
N MET A 60 19.28 -4.33 -2.41
CA MET A 60 18.33 -3.51 -3.17
C MET A 60 18.94 -3.01 -4.50
N GLU A 61 20.17 -2.50 -4.44
CA GLU A 61 20.85 -2.00 -5.64
C GLU A 61 20.83 -3.11 -6.63
N ARG A 62 20.95 -4.34 -6.14
CA ARG A 62 20.92 -5.48 -7.04
C ARG A 62 19.52 -5.81 -7.41
N GLY A 63 18.59 -5.49 -6.49
CA GLY A 63 17.18 -5.86 -6.69
C GLY A 63 16.67 -4.98 -7.84
N VAL A 64 16.96 -3.69 -7.75
CA VAL A 64 16.64 -2.80 -8.83
C VAL A 64 17.18 -3.31 -10.19
N GLU A 65 18.40 -3.92 -10.21
CA GLU A 65 19.00 -4.45 -11.43
C GLU A 65 18.33 -5.73 -11.95
N GLN A 66 17.83 -6.60 -11.09
CA GLN A 66 17.06 -7.76 -11.67
C GLN A 66 15.70 -7.33 -12.24
N VAL A 67 15.14 -6.26 -11.71
CA VAL A 67 13.88 -5.70 -12.22
C VAL A 67 14.16 -5.05 -13.61
N ARG A 68 14.92 -3.94 -13.67
CA ARG A 68 15.33 -3.34 -14.94
C ARG A 68 15.51 -4.40 -15.99
N HIS A 69 15.96 -5.58 -15.53
CA HIS A 69 16.41 -6.62 -16.42
C HIS A 69 15.30 -7.61 -16.75
N TYR A 70 14.41 -7.99 -15.81
CA TYR A 70 13.16 -8.74 -16.18
C TYR A 70 12.43 -7.89 -17.23
N LEU A 71 12.18 -6.62 -16.86
CA LEU A 71 11.30 -5.81 -17.65
C LEU A 71 11.68 -5.90 -19.13
N ASN A 72 12.78 -5.21 -19.50
CA ASN A 72 13.65 -5.54 -20.67
C ASN A 72 13.60 -6.90 -21.43
N ALA A 73 13.58 -8.05 -20.75
CA ALA A 73 13.50 -9.33 -21.49
C ALA A 73 12.13 -9.57 -22.11
N ILE A 74 11.10 -8.99 -21.50
CA ILE A 74 9.73 -9.06 -22.05
C ILE A 74 9.67 -8.30 -23.43
N PRO A 75 9.47 -9.04 -24.54
CA PRO A 75 9.41 -8.26 -25.79
C PRO A 75 8.05 -7.57 -25.93
N ILE A 76 8.09 -6.31 -26.37
CA ILE A 76 6.92 -5.47 -26.53
C ILE A 76 5.93 -6.03 -27.58
N GLY A 77 4.82 -6.62 -27.10
CA GLY A 77 3.80 -7.31 -27.91
C GLY A 77 2.69 -6.50 -28.61
N ALA A 78 1.69 -7.22 -29.12
CA ALA A 78 0.68 -6.62 -30.05
C ALA A 78 -0.69 -6.26 -29.42
N GLY A 79 -1.01 -4.96 -29.40
CA GLY A 79 -2.39 -4.55 -29.11
C GLY A 79 -2.76 -4.47 -27.61
N PRO A 80 -4.02 -4.05 -27.32
CA PRO A 80 -4.59 -4.30 -26.02
C PRO A 80 -4.31 -5.72 -25.59
N GLN A 81 -4.15 -6.67 -26.48
CA GLN A 81 -3.93 -8.04 -25.95
C GLN A 81 -2.48 -8.20 -25.50
N GLY A 82 -1.58 -7.43 -26.12
CA GLY A 82 -0.16 -7.37 -25.68
C GLY A 82 -0.05 -6.89 -24.23
N LEU A 83 -0.77 -5.81 -23.96
CA LEU A 83 -0.81 -5.24 -22.61
C LEU A 83 -1.44 -6.19 -21.59
N TRP A 84 -2.63 -6.61 -21.85
CA TRP A 84 -3.18 -7.58 -20.97
C TRP A 84 -2.19 -8.74 -20.65
N GLU A 85 -1.75 -9.49 -21.68
CA GLU A 85 -0.80 -10.62 -21.49
C GLU A 85 0.41 -10.17 -20.62
N PHE A 86 0.98 -9.00 -20.92
CA PHE A 86 2.09 -8.57 -20.11
C PHE A 86 1.68 -8.44 -18.61
N LEU A 87 0.63 -7.64 -18.37
CA LEU A 87 0.19 -7.29 -17.06
C LEU A 87 -0.06 -8.58 -16.36
N GLN A 88 -0.64 -9.56 -17.03
CA GLN A 88 -0.89 -10.82 -16.43
C GLN A 88 0.40 -11.48 -15.86
N VAL A 89 1.47 -11.46 -16.67
CA VAL A 89 2.82 -12.00 -16.39
C VAL A 89 3.47 -11.22 -15.22
N LEU A 90 3.37 -9.90 -15.25
CA LEU A 90 3.82 -9.06 -14.20
C LEU A 90 3.18 -9.25 -12.79
N VAL A 91 1.88 -9.46 -12.79
CA VAL A 91 1.14 -9.68 -11.60
C VAL A 91 1.35 -11.11 -11.05
N ARG A 92 1.31 -12.16 -11.90
CA ARG A 92 1.51 -13.55 -11.44
C ARG A 92 2.87 -13.82 -10.78
N SER A 93 3.89 -13.11 -11.23
CA SER A 93 5.20 -13.02 -10.61
C SER A 93 5.42 -12.42 -9.19
N MET A 94 4.39 -11.79 -8.56
CA MET A 94 4.48 -11.32 -7.16
C MET A 94 4.28 -12.47 -6.15
N ASN A 95 5.30 -12.72 -5.30
CA ASN A 95 5.27 -13.85 -4.34
C ASN A 95 4.61 -13.53 -2.97
N ASP A 99 5.66 -13.18 6.33
CA ASP A 99 4.46 -13.62 5.62
C ASP A 99 4.41 -13.02 4.23
N PHE A 100 3.91 -11.79 4.23
CA PHE A 100 3.49 -11.03 3.03
C PHE A 100 3.33 -9.54 3.41
N SER A 101 2.93 -9.30 4.66
CA SER A 101 2.75 -7.94 5.20
C SER A 101 4.14 -7.50 5.57
N VAL A 102 5.07 -8.44 5.38
CA VAL A 102 6.51 -8.17 5.52
C VAL A 102 7.01 -7.22 4.40
N ASN A 103 6.29 -7.15 3.26
CA ASN A 103 6.70 -6.25 2.19
C ASN A 103 6.15 -4.86 2.47
N TYR A 104 5.16 -4.82 3.34
CA TYR A 104 4.69 -3.55 3.85
C TYR A 104 5.64 -3.04 4.90
N LEU A 105 6.30 -3.95 5.59
CA LEU A 105 7.36 -3.57 6.55
C LEU A 105 8.58 -3.13 5.74
N ILE A 106 8.87 -3.92 4.70
CA ILE A 106 9.96 -3.62 3.75
C ILE A 106 9.80 -2.28 3.00
N SER A 107 8.60 -1.93 2.53
CA SER A 107 8.34 -0.67 1.91
C SER A 107 8.29 0.41 2.98
N TRP A 108 7.89 0.10 4.19
CA TRP A 108 7.99 1.17 5.16
C TRP A 108 9.50 1.60 5.35
N TYR A 109 10.39 0.61 5.33
CA TYR A 109 11.76 0.81 5.80
C TYR A 109 12.51 1.39 4.58
N GLU A 110 12.09 1.04 3.38
CA GLU A 110 12.64 1.67 2.18
C GLU A 110 12.53 3.17 2.09
N LEU A 111 11.52 3.72 2.74
CA LEU A 111 11.29 5.14 2.80
C LEU A 111 12.02 5.72 3.97
N GLN A 112 12.57 4.86 4.80
CA GLN A 112 13.28 5.39 5.97
C GLN A 112 14.73 5.73 5.68
N VAL A 113 15.37 4.99 4.81
CA VAL A 113 16.78 5.16 4.57
C VAL A 113 16.86 5.76 3.19
N PRO A 114 17.20 7.07 3.10
CA PRO A 114 17.34 7.82 1.84
C PRO A 114 17.98 7.04 0.75
N GLU A 115 18.95 6.18 1.07
CA GLU A 115 19.58 5.36 0.03
C GLU A 115 18.68 4.28 -0.55
N LEU A 116 17.78 3.86 0.33
CA LEU A 116 16.75 2.86 -0.01
C LEU A 116 15.65 3.56 -0.74
N ARG A 117 15.21 4.70 -0.26
CA ARG A 117 14.20 5.54 -0.95
C ARG A 117 14.58 5.90 -2.37
N THR A 118 15.86 6.29 -2.56
CA THR A 118 16.34 6.43 -3.95
C THR A 118 16.12 5.23 -4.82
N LEU A 119 16.42 4.07 -4.29
CA LEU A 119 16.34 2.92 -5.13
C LEU A 119 14.91 2.43 -5.25
N ALA A 120 14.06 2.74 -4.28
CA ALA A 120 12.58 2.35 -4.35
C ALA A 120 11.98 3.14 -5.53
N ILE A 121 12.28 4.45 -5.52
CA ILE A 121 12.01 5.35 -6.66
C ILE A 121 12.53 4.81 -7.95
N GLN A 122 13.75 4.31 -8.02
CA GLN A 122 14.17 3.71 -9.29
C GLN A 122 13.44 2.45 -9.70
N ARG A 123 13.01 1.69 -8.73
CA ARG A 123 12.32 0.39 -8.98
C ARG A 123 10.90 0.65 -9.64
N ASN A 124 10.24 1.68 -9.18
CA ASN A 124 8.80 2.00 -9.47
C ASN A 124 8.77 2.69 -10.85
N ARG A 125 9.50 3.81 -11.01
CA ARG A 125 9.89 4.34 -12.38
C ARG A 125 10.18 3.27 -13.40
N ALA A 126 11.08 2.35 -13.06
CA ALA A 126 11.34 1.24 -13.98
C ALA A 126 10.11 0.43 -14.34
N VAL A 127 9.28 0.11 -13.31
CA VAL A 127 8.11 -0.74 -13.53
C VAL A 127 7.02 0.11 -14.30
N VAL A 128 6.85 1.38 -13.99
CA VAL A 128 5.94 2.28 -14.76
C VAL A 128 6.39 2.37 -16.26
N GLU A 129 7.70 2.48 -16.48
CA GLU A 129 8.25 2.46 -17.82
C GLU A 129 7.95 1.19 -18.62
N GLY A 130 8.14 0.03 -18.04
CA GLY A 130 7.80 -1.13 -18.77
C GLY A 130 6.32 -1.25 -19.14
N ILE A 131 5.45 -0.59 -18.37
CA ILE A 131 4.03 -0.68 -18.63
C ILE A 131 3.74 0.22 -19.82
N ARG A 132 4.14 1.47 -19.75
CA ARG A 132 4.18 2.35 -20.88
C ARG A 132 4.65 1.64 -22.17
N LYS A 133 5.95 1.40 -22.29
CA LYS A 133 6.45 0.67 -23.46
C LYS A 133 5.41 -0.31 -24.03
N ARG A 134 4.59 -0.96 -23.18
CA ARG A 134 3.56 -1.87 -23.71
C ARG A 134 2.24 -1.20 -24.10
N LEU A 135 2.15 0.11 -23.96
CA LEU A 135 0.90 0.86 -24.21
C LEU A 135 0.64 1.15 -25.70
N PRO A 136 -0.34 0.41 -26.30
CA PRO A 136 -1.02 0.48 -27.61
C PRO A 136 -1.26 1.92 -28.01
N PRO A 137 -1.32 2.21 -29.35
CA PRO A 137 -1.46 3.60 -29.79
C PRO A 137 -2.70 4.24 -29.17
N GLY A 138 -2.59 5.54 -28.83
CA GLY A 138 -3.65 6.29 -28.15
C GLY A 138 -4.19 5.44 -27.02
N ALA A 139 -3.54 5.50 -25.87
CA ALA A 139 -4.09 4.98 -24.64
C ALA A 139 -4.28 6.32 -23.98
N PRO A 140 -5.18 6.44 -22.97
CA PRO A 140 -5.38 7.72 -22.26
C PRO A 140 -4.09 8.18 -21.70
N ALA A 141 -3.93 9.46 -21.52
CA ALA A 141 -2.72 10.00 -20.87
C ALA A 141 -2.53 9.29 -19.52
N ALA A 142 -1.28 9.04 -19.10
CA ALA A 142 -0.96 8.41 -17.79
C ALA A 142 -1.66 7.08 -17.51
N ALA A 143 -2.06 6.36 -18.56
CA ALA A 143 -2.55 5.00 -18.39
C ALA A 143 -1.60 4.17 -17.49
N GLU A 144 -0.29 4.24 -17.76
CA GLU A 144 0.78 3.51 -17.02
C GLU A 144 0.86 3.77 -15.52
N LEU A 145 0.65 5.02 -15.10
CA LEU A 145 0.54 5.32 -13.73
C LEU A 145 -0.77 4.68 -13.19
N LEU A 146 -1.89 4.89 -13.92
CA LEU A 146 -3.15 4.38 -13.48
C LEU A 146 -3.05 2.86 -13.28
N LEU A 147 -2.47 2.19 -14.28
CA LEU A 147 -2.27 0.76 -14.19
C LEU A 147 -1.37 0.36 -13.00
N HIS A 148 -0.34 1.16 -12.71
CA HIS A 148 0.60 0.81 -11.65
C HIS A 148 -0.14 0.89 -10.31
N SER A 149 -1.04 1.85 -10.22
CA SER A 149 -1.81 2.10 -9.01
C SER A 149 -2.79 0.98 -8.68
N VAL A 150 -3.49 0.48 -9.66
CA VAL A 150 -4.44 -0.56 -9.45
C VAL A 150 -3.69 -1.81 -8.92
N ILE A 151 -2.56 -2.09 -9.56
CA ILE A 151 -1.75 -3.27 -9.15
C ILE A 151 -1.35 -3.22 -7.71
N ALA A 152 -0.65 -2.18 -7.32
CA ALA A 152 -0.39 -1.87 -5.86
C ALA A 152 -1.61 -1.80 -4.92
N GLY A 153 -2.61 -1.03 -5.34
CA GLY A 153 -3.80 -0.79 -4.54
C GLY A 153 -4.51 -2.06 -4.39
N ALA A 154 -4.70 -2.81 -5.51
CA ALA A 154 -5.54 -4.06 -5.38
C ALA A 154 -4.80 -5.15 -4.56
N THR A 155 -3.49 -5.21 -4.74
CA THR A 155 -2.60 -6.13 -3.87
C THR A 155 -2.78 -5.82 -2.36
N MET A 156 -2.70 -4.54 -1.96
CA MET A 156 -3.01 -4.11 -0.58
C MET A 156 -4.37 -4.47 -0.09
N GLN A 157 -5.44 -4.21 -0.91
CA GLN A 157 -6.81 -4.69 -0.61
C GLN A 157 -6.72 -6.11 -0.18
N TRP A 158 -6.12 -6.96 -1.06
CA TRP A 158 -6.09 -8.44 -0.87
C TRP A 158 -5.27 -8.89 0.37
N ALA A 159 -4.09 -8.34 0.59
CA ALA A 159 -3.36 -8.54 1.85
C ALA A 159 -4.18 -8.21 3.11
N VAL A 160 -5.03 -7.18 3.09
CA VAL A 160 -5.85 -6.87 4.29
C VAL A 160 -7.02 -7.86 4.44
N ASP A 161 -7.74 -8.13 3.32
CA ASP A 161 -9.07 -8.79 3.26
C ASP A 161 -9.00 -9.73 2.03
N PRO A 162 -8.18 -10.79 2.19
CA PRO A 162 -7.78 -11.61 1.07
C PRO A 162 -9.01 -12.45 0.65
N ASP A 163 -9.12 -12.76 -0.62
CA ASP A 163 -10.21 -13.63 -1.07
C ASP A 163 -9.82 -14.41 -2.33
N GLY A 164 -9.23 -15.59 -2.15
CA GLY A 164 -8.92 -16.37 -3.35
C GLY A 164 -7.52 -16.02 -3.57
N GLU A 165 -7.03 -16.12 -4.80
CA GLU A 165 -5.59 -15.93 -4.94
C GLU A 165 -5.34 -14.43 -5.22
N LEU A 166 -4.16 -13.98 -4.91
CA LEU A 166 -3.81 -12.65 -5.10
C LEU A 166 -3.97 -12.24 -6.50
N ALA A 167 -3.38 -13.00 -7.44
CA ALA A 167 -3.46 -12.70 -8.84
C ALA A 167 -4.83 -12.57 -9.41
N ASP A 168 -5.78 -13.44 -9.04
CA ASP A 168 -7.12 -13.33 -9.54
C ASP A 168 -7.78 -12.05 -9.05
N HIS A 169 -7.37 -11.58 -7.87
CA HIS A 169 -8.04 -10.45 -7.20
C HIS A 169 -7.55 -9.22 -7.93
N VAL A 170 -6.25 -9.17 -8.08
CA VAL A 170 -5.63 -8.10 -8.89
C VAL A 170 -6.00 -8.07 -10.33
N LEU A 171 -5.89 -9.21 -11.02
CA LEU A 171 -6.20 -9.27 -12.42
C LEU A 171 -7.62 -9.03 -12.80
N ALA A 172 -8.58 -9.31 -11.94
CA ALA A 172 -9.97 -9.00 -12.16
C ALA A 172 -10.13 -7.47 -12.33
N GLN A 173 -9.24 -6.66 -11.72
CA GLN A 173 -9.44 -5.15 -11.62
C GLN A 173 -8.66 -4.51 -12.76
N ILE A 174 -7.58 -5.20 -13.12
CA ILE A 174 -6.84 -4.80 -14.31
C ILE A 174 -7.63 -5.05 -15.54
N ALA A 175 -8.32 -6.19 -15.58
CA ALA A 175 -9.18 -6.47 -16.75
C ALA A 175 -10.36 -5.41 -16.82
N ALA A 176 -11.00 -5.17 -15.65
CA ALA A 176 -12.03 -4.06 -15.50
C ALA A 176 -11.51 -2.69 -15.96
N ILE A 177 -10.28 -2.28 -15.61
CA ILE A 177 -9.71 -1.04 -16.15
C ILE A 177 -9.26 -1.08 -17.59
N LEU A 178 -8.69 -2.19 -18.03
CA LEU A 178 -8.50 -2.37 -19.45
C LEU A 178 -9.83 -2.23 -20.29
N CYS A 179 -11.01 -2.79 -19.91
CA CYS A 179 -12.27 -2.46 -20.64
C CYS A 179 -12.61 -0.95 -20.66
N LEU A 180 -12.36 -0.23 -19.58
CA LEU A 180 -12.56 1.20 -19.62
C LEU A 180 -11.64 1.76 -20.60
N MET A 181 -10.38 1.31 -20.64
CA MET A 181 -9.37 1.95 -21.45
C MET A 181 -9.54 1.70 -22.96
N PHE A 182 -10.09 0.55 -23.29
CA PHE A 182 -10.22 -0.01 -24.67
C PHE A 182 -11.61 -0.62 -24.79
N PRO A 183 -12.63 0.22 -24.77
CA PRO A 183 -14.01 -0.26 -24.76
C PRO A 183 -14.31 -0.99 -26.08
N GLU A 184 -13.43 -0.84 -27.08
CA GLU A 184 -13.63 -1.51 -28.40
C GLU A 184 -13.22 -3.01 -28.38
N HIS A 185 -12.09 -3.30 -27.74
CA HIS A 185 -11.61 -4.67 -27.53
C HIS A 185 -12.61 -5.62 -26.84
N ASP A 186 -12.52 -6.94 -27.06
CA ASP A 186 -13.49 -7.85 -26.37
C ASP A 186 -13.01 -8.22 -24.97
N ASP A 187 -13.97 -8.42 -24.04
CA ASP A 187 -13.73 -8.41 -22.57
C ASP A 187 -12.43 -9.16 -22.38
N PHE A 188 -11.63 -8.75 -21.36
CA PHE A 188 -10.30 -9.40 -21.23
C PHE A 188 -10.42 -10.63 -20.35
N GLN A 189 -9.65 -11.64 -20.66
CA GLN A 189 -9.80 -12.89 -19.91
C GLN A 189 -8.53 -13.63 -20.03
N LEU A 190 -8.34 -14.62 -19.17
CA LEU A 190 -7.71 -15.89 -19.64
C LEU A 190 -8.11 -17.20 -18.90
N LEU A 191 -7.16 -18.13 -18.85
CA LEU A 191 -7.40 -19.56 -18.71
C LEU A 191 -7.66 -20.13 -17.33
N LEU B 7 -6.04 14.03 33.25
CA LEU B 7 -6.50 12.98 32.31
C LEU B 7 -7.10 11.71 32.91
N LYS B 8 -8.41 11.49 32.72
CA LYS B 8 -9.19 10.47 33.39
C LYS B 8 -9.95 9.62 32.34
N SER B 9 -10.53 10.23 31.34
CA SER B 9 -11.57 9.55 30.55
C SER B 9 -10.91 8.72 29.53
N ASP B 10 -11.58 7.69 29.05
CA ASP B 10 -10.94 6.87 28.02
C ASP B 10 -10.54 7.70 26.78
N ASP B 11 -11.45 8.59 26.32
CA ASP B 11 -11.13 9.60 25.33
C ASP B 11 -9.86 10.43 25.62
N GLU B 12 -9.70 10.93 26.83
CA GLU B 12 -8.44 11.61 27.17
C GLU B 12 -7.20 10.74 26.93
N VAL B 13 -7.27 9.48 27.44
CA VAL B 13 -6.30 8.42 27.28
C VAL B 13 -6.01 8.08 25.79
N LEU B 14 -7.03 7.73 25.02
CA LEU B 14 -6.85 7.44 23.64
C LEU B 14 -6.33 8.65 22.83
N GLU B 15 -6.86 9.86 23.02
CA GLU B 15 -6.20 11.02 22.39
C GLU B 15 -4.75 11.21 22.85
N ALA B 16 -4.47 11.10 24.14
CA ALA B 16 -3.04 11.11 24.61
C ALA B 16 -2.18 10.03 23.97
N ALA B 17 -2.76 8.89 23.64
CA ALA B 17 -1.98 7.79 23.08
C ALA B 17 -1.66 8.01 21.64
N THR B 18 -2.51 8.79 20.98
CA THR B 18 -2.29 9.30 19.61
C THR B 18 -1.11 10.27 19.56
N VAL B 19 -1.20 11.41 20.29
CA VAL B 19 -0.08 12.36 20.51
C VAL B 19 1.22 11.55 20.69
N VAL B 20 1.18 10.47 21.50
CA VAL B 20 2.28 9.49 21.66
C VAL B 20 2.60 8.58 20.47
N LEU B 21 1.63 7.91 19.90
CA LEU B 21 1.93 6.85 18.91
C LEU B 21 2.24 7.57 17.60
N LYS B 22 2.12 8.90 17.62
CA LYS B 22 2.69 9.73 16.59
C LYS B 22 4.24 9.76 16.65
N ARG B 23 4.85 9.51 17.82
CA ARG B 23 6.35 9.48 17.97
C ARG B 23 7.02 8.12 17.71
N CYS B 24 6.33 7.04 18.01
CA CYS B 24 7.01 5.80 18.29
C CYS B 24 6.77 4.75 17.23
N GLY B 25 5.67 4.89 16.52
CA GLY B 25 5.16 3.78 15.76
C GLY B 25 4.73 2.69 16.73
N PRO B 26 3.94 1.72 16.27
CA PRO B 26 3.40 0.51 16.94
C PRO B 26 4.33 -0.29 17.83
N ILE B 27 5.56 -0.47 17.31
CA ILE B 27 6.52 -1.47 17.80
C ILE B 27 7.07 -0.94 19.12
N GLU B 28 7.18 0.39 19.21
CA GLU B 28 7.87 1.01 20.33
C GLU B 28 6.86 1.71 21.25
N PHE B 29 5.56 1.58 20.90
CA PHE B 29 4.45 2.14 21.68
C PHE B 29 4.34 1.35 23.00
N THR B 30 4.34 2.10 24.09
CA THR B 30 4.18 1.54 25.42
C THR B 30 3.17 2.37 26.26
N LEU B 31 2.42 1.70 27.15
CA LEU B 31 1.59 2.35 28.20
C LEU B 31 2.37 3.34 29.02
N SER B 32 3.57 2.92 29.34
CA SER B 32 4.56 3.78 29.94
C SER B 32 4.57 5.20 29.40
N GLY B 33 4.79 5.37 28.08
CA GLY B 33 4.75 6.72 27.45
C GLY B 33 3.38 7.41 27.49
N VAL B 34 2.36 6.57 27.37
CA VAL B 34 0.98 7.09 27.34
C VAL B 34 0.67 7.66 28.72
N ALA B 35 1.13 6.94 29.76
CA ALA B 35 0.89 7.46 31.12
C ALA B 35 1.54 8.81 31.35
N LYS B 36 2.84 8.93 30.99
CA LYS B 36 3.48 10.28 30.97
C LYS B 36 2.55 11.34 30.34
N GLU B 37 2.14 11.09 29.12
CA GLU B 37 1.33 12.01 28.28
C GLU B 37 0.02 12.51 28.85
N VAL B 38 -0.93 11.58 29.15
CA VAL B 38 -2.20 11.84 29.84
C VAL B 38 -2.07 12.25 31.35
N GLY B 39 -0.97 11.87 31.99
CA GLY B 39 -0.74 12.32 33.35
C GLY B 39 -1.47 11.39 34.33
N LEU B 40 -1.29 10.08 34.14
CA LEU B 40 -1.60 9.07 35.20
C LEU B 40 -0.49 8.02 35.30
N SER B 41 -0.51 7.16 36.32
CA SER B 41 0.55 6.22 36.59
C SER B 41 0.43 5.02 35.62
N ARG B 42 1.46 4.17 35.57
CA ARG B 42 1.56 3.14 34.54
C ARG B 42 0.72 2.00 35.01
N ALA B 43 0.67 1.87 36.36
CA ALA B 43 -0.22 0.90 37.04
C ALA B 43 -1.64 1.21 36.71
N ALA B 44 -2.00 2.49 36.70
CA ALA B 44 -3.38 2.86 36.35
C ALA B 44 -3.66 2.56 34.81
N LEU B 45 -2.74 2.89 33.91
CA LEU B 45 -2.93 2.36 32.47
C LEU B 45 -2.95 0.89 32.31
N ILE B 46 -2.06 0.22 33.04
CA ILE B 46 -2.08 -1.28 32.96
C ILE B 46 -3.40 -1.94 33.44
N GLN B 47 -3.96 -1.54 34.58
CA GLN B 47 -5.32 -2.04 35.05
C GLN B 47 -6.43 -1.71 34.01
N ARG B 48 -6.33 -0.48 33.42
CA ARG B 48 -7.43 0.05 32.49
C ARG B 48 -7.25 -0.59 31.16
N PHE B 49 -6.01 -0.74 30.69
CA PHE B 49 -5.85 -1.24 29.34
C PHE B 49 -5.20 -2.63 29.14
N THR B 50 -4.95 -3.37 30.24
CA THR B 50 -4.07 -4.61 30.22
C THR B 50 -2.66 -4.46 29.60
N ASN B 51 -2.59 -4.27 28.29
CA ASN B 51 -1.25 -4.18 27.65
C ASN B 51 -1.30 -3.25 26.43
N ARG B 52 -0.18 -3.14 25.73
CA ARG B 52 -0.04 -2.13 24.68
C ARG B 52 -0.93 -2.36 23.42
N ASP B 53 -1.19 -3.63 23.05
CA ASP B 53 -1.99 -4.05 21.88
C ASP B 53 -3.50 -4.04 22.15
N THR B 54 -3.88 -4.24 23.43
CA THR B 54 -5.21 -3.90 23.89
C THR B 54 -5.49 -2.39 23.76
N LEU B 55 -4.52 -1.54 24.11
CA LEU B 55 -4.63 -0.11 23.92
C LEU B 55 -4.76 0.28 22.42
N LEU B 56 -3.90 -0.27 21.59
CA LEU B 56 -3.97 -0.16 20.12
C LEU B 56 -5.35 -0.58 19.64
N VAL B 57 -5.81 -1.74 20.11
CA VAL B 57 -7.12 -2.16 19.71
C VAL B 57 -8.19 -1.13 20.06
N ARG B 58 -8.16 -0.63 21.26
CA ARG B 58 -9.19 0.30 21.56
C ARG B 58 -9.10 1.60 20.70
N MET B 59 -7.86 2.03 20.36
CA MET B 59 -7.59 3.24 19.57
C MET B 59 -8.12 3.01 18.20
N MET B 60 -7.82 1.85 17.64
CA MET B 60 -8.33 1.45 16.35
C MET B 60 -9.85 1.42 16.30
N GLU B 61 -10.52 0.78 17.30
CA GLU B 61 -11.96 0.65 17.33
C GLU B 61 -12.50 2.07 17.34
N ARG B 62 -11.96 2.95 18.18
CA ARG B 62 -12.49 4.29 18.04
C ARG B 62 -12.30 4.80 16.59
N GLY B 63 -11.11 4.57 15.98
CA GLY B 63 -10.77 5.21 14.67
C GLY B 63 -11.76 4.70 13.62
N VAL B 64 -11.99 3.39 13.57
CA VAL B 64 -12.91 2.82 12.65
C VAL B 64 -14.34 3.34 12.83
N GLU B 65 -14.78 3.53 14.10
CA GLU B 65 -16.14 4.07 14.36
C GLU B 65 -16.16 5.49 13.82
N GLN B 66 -15.08 6.23 14.02
CA GLN B 66 -15.06 7.63 13.57
C GLN B 66 -15.14 7.64 12.03
N VAL B 67 -14.53 6.63 11.39
CA VAL B 67 -14.53 6.48 9.88
C VAL B 67 -15.94 6.22 9.46
N ARG B 68 -16.64 5.35 10.15
CA ARG B 68 -17.94 5.02 9.62
C ARG B 68 -18.83 6.23 9.84
N HIS B 69 -18.68 6.94 10.98
CA HIS B 69 -19.56 8.07 11.27
C HIS B 69 -19.27 9.15 10.25
N TYR B 70 -18.00 9.48 10.07
CA TYR B 70 -17.59 10.42 9.03
C TYR B 70 -18.22 10.10 7.67
N LEU B 71 -18.25 8.82 7.26
CA LEU B 71 -18.71 8.45 5.91
C LEU B 71 -20.20 8.61 5.79
N ASN B 72 -20.88 8.22 6.86
CA ASN B 72 -22.37 8.30 6.94
C ASN B 72 -22.88 9.75 6.95
N ALA B 73 -22.02 10.66 7.37
CA ALA B 73 -22.36 12.04 7.50
C ALA B 73 -22.10 12.85 6.22
N ILE B 74 -21.39 12.23 5.26
CA ILE B 74 -21.26 12.85 3.93
C ILE B 74 -22.56 12.69 3.12
N PRO B 75 -23.14 13.82 2.64
CA PRO B 75 -24.46 13.80 1.93
C PRO B 75 -24.49 13.08 0.58
N ILE B 76 -25.30 12.00 0.44
CA ILE B 76 -25.31 11.23 -0.82
C ILE B 76 -25.88 12.12 -1.93
N GLY B 77 -25.09 12.39 -2.96
CA GLY B 77 -25.56 13.28 -4.04
C GLY B 77 -26.04 12.49 -5.23
N ALA B 78 -25.84 13.06 -6.41
CA ALA B 78 -26.38 12.37 -7.52
C ALA B 78 -25.48 12.42 -8.73
N GLY B 79 -25.46 11.28 -9.36
CA GLY B 79 -24.87 11.08 -10.66
C GLY B 79 -23.36 10.93 -10.48
N PRO B 80 -22.67 10.89 -11.60
CA PRO B 80 -21.26 10.83 -11.59
C PRO B 80 -20.69 11.97 -10.79
N GLN B 81 -21.37 13.14 -10.80
CA GLN B 81 -20.90 14.29 -10.03
C GLN B 81 -20.91 14.07 -8.51
N GLY B 82 -21.91 13.39 -8.02
CA GLY B 82 -21.97 13.24 -6.54
C GLY B 82 -20.87 12.25 -6.11
N LEU B 83 -20.56 11.26 -6.98
CA LEU B 83 -19.44 10.31 -6.71
C LEU B 83 -18.09 11.03 -6.69
N TRP B 84 -17.83 11.89 -7.68
CA TRP B 84 -16.62 12.73 -7.72
C TRP B 84 -16.47 13.67 -6.51
N GLU B 85 -17.57 14.28 -6.06
CA GLU B 85 -17.46 15.15 -4.88
C GLU B 85 -17.27 14.21 -3.66
N PHE B 86 -17.99 13.07 -3.58
CA PHE B 86 -17.69 12.18 -2.46
C PHE B 86 -16.17 11.73 -2.52
N LEU B 87 -15.66 11.29 -3.65
CA LEU B 87 -14.24 10.86 -3.63
C LEU B 87 -13.27 11.99 -3.32
N GLN B 88 -13.63 13.22 -3.73
CA GLN B 88 -12.76 14.37 -3.36
C GLN B 88 -12.62 14.55 -1.86
N VAL B 89 -13.74 14.53 -1.16
CA VAL B 89 -13.81 14.63 0.33
C VAL B 89 -13.02 13.52 1.06
N LEU B 90 -13.26 12.28 0.62
CA LEU B 90 -12.55 11.12 1.13
C LEU B 90 -10.99 11.14 0.94
N VAL B 91 -10.54 11.44 -0.25
CA VAL B 91 -9.15 11.59 -0.51
C VAL B 91 -8.53 12.73 0.35
N ARG B 92 -9.12 13.95 0.32
CA ARG B 92 -8.59 15.12 1.11
C ARG B 92 -8.64 14.88 2.67
N SER B 93 -9.69 14.18 3.11
CA SER B 93 -9.79 13.52 4.46
C SER B 93 -8.63 12.59 4.94
N MET B 94 -8.08 11.78 4.05
CA MET B 94 -6.93 10.94 4.41
C MET B 94 -5.62 11.41 3.82
N ASN B 95 -4.83 12.13 4.60
CA ASN B 95 -5.23 12.79 5.83
C ASN B 95 -4.40 14.05 5.86
N THR B 96 -3.09 13.82 5.80
CA THR B 96 -2.08 14.82 5.48
C THR B 96 -1.34 14.29 4.26
N PHE B 100 3.38 10.44 5.52
CA PHE B 100 2.43 9.35 5.85
C PHE B 100 3.17 8.02 6.14
N SER B 101 4.46 8.09 6.49
CA SER B 101 5.33 6.88 6.48
C SER B 101 5.04 6.01 7.70
N VAL B 102 4.91 6.66 8.87
CA VAL B 102 4.49 5.91 10.06
C VAL B 102 3.21 5.10 9.78
N ASN B 103 2.32 5.63 8.90
CA ASN B 103 1.09 4.93 8.58
C ASN B 103 1.26 3.54 7.90
N TYR B 104 2.32 3.39 7.08
CA TYR B 104 2.61 2.07 6.49
C TYR B 104 3.15 1.08 7.59
N LEU B 105 3.84 1.64 8.60
CA LEU B 105 4.34 0.84 9.71
C LEU B 105 3.12 0.40 10.53
N ILE B 106 2.24 1.34 10.85
CA ILE B 106 0.88 1.02 11.43
C ILE B 106 0.11 -0.02 10.63
N SER B 107 0.10 0.12 9.30
CA SER B 107 -0.75 -0.74 8.45
C SER B 107 -0.15 -2.13 8.47
N TRP B 108 1.20 -2.20 8.52
CA TRP B 108 1.90 -3.47 8.68
C TRP B 108 1.55 -4.16 10.00
N TYR B 109 1.77 -3.45 11.12
CA TYR B 109 1.45 -3.86 12.47
C TYR B 109 0.02 -4.42 12.61
N GLU B 110 -0.98 -3.72 12.06
CA GLU B 110 -2.42 -4.15 12.00
C GLU B 110 -2.64 -5.54 11.47
N LEU B 111 -1.93 -5.84 10.39
CA LEU B 111 -1.86 -7.21 9.89
C LEU B 111 -1.21 -8.19 10.91
N GLN B 112 -0.59 -7.68 11.98
CA GLN B 112 0.15 -8.58 12.92
C GLN B 112 -0.69 -9.22 14.11
N VAL B 113 -1.61 -8.43 14.65
CA VAL B 113 -2.42 -8.63 15.82
C VAL B 113 -3.82 -8.83 15.22
N PRO B 114 -4.39 -10.05 15.27
CA PRO B 114 -5.74 -10.38 14.68
C PRO B 114 -6.86 -9.43 15.11
N GLU B 115 -6.76 -8.88 16.30
CA GLU B 115 -7.81 -7.98 16.70
C GLU B 115 -7.72 -6.71 15.82
N LEU B 116 -6.49 -6.33 15.50
CA LEU B 116 -6.26 -5.13 14.70
C LEU B 116 -6.54 -5.43 13.21
N ARG B 117 -6.31 -6.64 12.77
CA ARG B 117 -6.43 -6.93 11.41
C ARG B 117 -7.92 -6.97 11.07
N THR B 118 -8.71 -7.59 11.97
CA THR B 118 -10.17 -7.54 11.95
C THR B 118 -10.69 -6.13 11.87
N LEU B 119 -10.15 -5.21 12.65
CA LEU B 119 -10.50 -3.80 12.53
C LEU B 119 -10.07 -3.12 11.15
N ALA B 120 -8.98 -3.59 10.57
CA ALA B 120 -8.42 -3.12 9.28
C ALA B 120 -9.36 -3.57 8.16
N ILE B 121 -9.90 -4.78 8.26
CA ILE B 121 -10.87 -5.25 7.29
C ILE B 121 -12.22 -4.52 7.34
N GLN B 122 -12.73 -4.27 8.55
CA GLN B 122 -13.99 -3.47 8.76
C GLN B 122 -13.74 -2.11 8.21
N ARG B 123 -12.56 -1.61 8.45
CA ARG B 123 -12.23 -0.23 7.98
C ARG B 123 -12.28 -0.21 6.47
N ASN B 124 -11.51 -1.03 5.80
CA ASN B 124 -11.58 -1.13 4.36
C ASN B 124 -12.96 -1.34 3.77
N ARG B 125 -13.76 -2.20 4.40
CA ARG B 125 -15.08 -2.47 3.84
C ARG B 125 -16.06 -1.31 4.05
N ALA B 126 -15.98 -0.63 5.20
CA ALA B 126 -16.65 0.60 5.43
C ALA B 126 -16.37 1.51 4.24
N VAL B 127 -15.10 1.73 3.91
CA VAL B 127 -14.75 2.77 2.96
C VAL B 127 -15.18 2.29 1.55
N VAL B 128 -15.04 0.99 1.31
CA VAL B 128 -15.51 0.39 0.05
C VAL B 128 -17.03 0.42 -0.16
N GLU B 129 -17.73 0.11 0.88
CA GLU B 129 -19.15 0.23 0.86
C GLU B 129 -19.61 1.70 0.80
N GLY B 130 -18.92 2.62 1.42
CA GLY B 130 -19.17 4.08 1.24
C GLY B 130 -19.10 4.58 -0.20
N ILE B 131 -18.11 4.06 -0.92
CA ILE B 131 -17.99 4.34 -2.34
C ILE B 131 -19.15 3.61 -3.05
N ARG B 132 -19.38 2.31 -2.77
CA ARG B 132 -20.35 1.61 -3.58
C ARG B 132 -21.69 2.41 -3.55
N LYS B 133 -22.04 2.95 -2.39
CA LYS B 133 -23.26 3.63 -2.17
C LYS B 133 -23.39 4.87 -2.97
N ARG B 134 -22.27 5.42 -3.44
CA ARG B 134 -22.31 6.65 -4.19
C ARG B 134 -22.23 6.29 -5.67
N LEU B 135 -22.24 5.00 -6.05
CA LEU B 135 -22.08 4.65 -7.51
C LEU B 135 -23.36 5.00 -8.26
N PRO B 136 -23.26 5.79 -9.34
CA PRO B 136 -24.59 6.06 -9.94
C PRO B 136 -24.85 4.88 -10.80
N PRO B 137 -26.10 4.73 -11.35
CA PRO B 137 -26.41 3.67 -12.30
C PRO B 137 -25.46 3.67 -13.51
N GLY B 138 -25.14 2.48 -14.04
CA GLY B 138 -24.23 2.38 -15.17
C GLY B 138 -22.74 2.45 -14.86
N ALA B 139 -22.38 2.60 -13.57
CA ALA B 139 -20.97 2.36 -13.18
C ALA B 139 -20.64 0.86 -13.42
N PRO B 140 -19.43 0.53 -13.88
CA PRO B 140 -19.19 -0.91 -14.07
C PRO B 140 -19.30 -1.77 -12.81
N ALA B 141 -19.42 -3.09 -13.08
CA ALA B 141 -19.40 -4.08 -12.02
C ALA B 141 -18.20 -3.95 -11.16
N ALA B 142 -18.41 -3.96 -9.85
CA ALA B 142 -17.43 -3.81 -8.76
C ALA B 142 -16.53 -2.58 -8.88
N ALA B 143 -17.08 -1.46 -9.31
CA ALA B 143 -16.28 -0.26 -9.60
C ALA B 143 -15.75 0.26 -8.28
N GLU B 144 -16.39 -0.13 -7.19
CA GLU B 144 -16.02 0.43 -5.92
C GLU B 144 -14.70 -0.14 -5.38
N LEU B 145 -14.40 -1.38 -5.83
CA LEU B 145 -13.10 -1.99 -5.55
C LEU B 145 -12.01 -1.22 -6.41
N LEU B 146 -12.27 -0.97 -7.69
CA LEU B 146 -11.33 -0.36 -8.53
C LEU B 146 -11.01 1.01 -7.92
N LEU B 147 -12.05 1.72 -7.45
CA LEU B 147 -11.83 3.16 -7.02
C LEU B 147 -11.03 3.13 -5.75
N HIS B 148 -11.35 2.21 -4.82
CA HIS B 148 -10.58 2.01 -3.60
C HIS B 148 -9.08 1.62 -3.90
N SER B 149 -8.84 0.70 -4.84
CA SER B 149 -7.50 0.40 -5.26
C SER B 149 -6.71 1.60 -5.74
N VAL B 150 -7.33 2.42 -6.58
CA VAL B 150 -6.68 3.58 -7.10
C VAL B 150 -6.20 4.55 -6.05
N ILE B 151 -7.00 4.77 -5.01
CA ILE B 151 -6.71 5.69 -3.94
C ILE B 151 -5.53 5.14 -3.16
N ALA B 152 -5.61 3.85 -2.74
CA ALA B 152 -4.51 3.19 -1.99
C ALA B 152 -3.25 3.15 -2.80
N GLY B 153 -3.32 2.75 -4.07
CA GLY B 153 -2.14 2.52 -4.87
C GLY B 153 -1.57 3.84 -5.33
N ALA B 154 -2.43 4.81 -5.66
CA ALA B 154 -1.85 6.13 -6.03
C ALA B 154 -1.11 6.76 -4.88
N THR B 155 -1.66 6.57 -3.70
CA THR B 155 -0.99 7.03 -2.46
C THR B 155 0.42 6.40 -2.25
N MET B 156 0.54 5.08 -2.38
CA MET B 156 1.86 4.50 -2.16
C MET B 156 2.78 5.08 -3.25
N GLN B 157 2.19 5.40 -4.46
CA GLN B 157 3.02 5.89 -5.59
C GLN B 157 3.64 7.23 -5.22
N TRP B 158 2.89 8.06 -4.53
CA TRP B 158 3.35 9.33 -4.18
C TRP B 158 4.23 9.31 -2.91
N ALA B 159 3.96 8.33 -2.04
CA ALA B 159 4.85 8.08 -0.92
C ALA B 159 6.29 7.87 -1.38
N VAL B 160 6.51 7.15 -2.44
CA VAL B 160 7.81 6.81 -2.84
C VAL B 160 8.44 7.94 -3.66
N ASP B 161 7.70 8.41 -4.68
CA ASP B 161 8.19 9.47 -5.58
C ASP B 161 7.21 10.64 -5.54
N PRO B 162 7.31 11.47 -4.48
CA PRO B 162 6.35 12.62 -4.41
C PRO B 162 6.48 13.63 -5.58
N ASP B 163 5.61 14.66 -5.58
CA ASP B 163 5.37 15.49 -6.75
C ASP B 163 3.98 16.05 -6.56
N GLY B 164 3.95 17.21 -5.95
CA GLY B 164 2.71 17.99 -5.85
C GLY B 164 2.15 17.57 -4.55
N GLU B 165 0.96 18.06 -4.21
CA GLU B 165 0.24 17.54 -3.04
C GLU B 165 -0.25 16.12 -3.30
N LEU B 166 -0.35 15.31 -2.25
CA LEU B 166 -0.77 13.88 -2.38
C LEU B 166 -2.14 13.85 -3.05
N ALA B 167 -3.09 14.58 -2.47
CA ALA B 167 -4.50 14.54 -2.90
C ALA B 167 -4.65 14.96 -4.40
N ASP B 168 -3.81 15.89 -4.86
CA ASP B 168 -3.71 16.17 -6.30
C ASP B 168 -3.20 14.98 -7.15
N HIS B 169 -2.12 14.32 -6.67
CA HIS B 169 -1.60 13.10 -7.42
C HIS B 169 -2.77 12.07 -7.49
N VAL B 170 -3.44 11.90 -6.36
CA VAL B 170 -4.42 10.78 -6.24
C VAL B 170 -5.71 11.13 -7.05
N LEU B 171 -6.25 12.30 -6.82
CA LEU B 171 -7.42 12.77 -7.61
C LEU B 171 -7.20 12.89 -9.12
N ALA B 172 -6.02 13.27 -9.59
CA ALA B 172 -5.88 13.28 -11.04
C ALA B 172 -6.23 11.96 -11.56
N GLN B 173 -5.70 10.89 -10.90
CA GLN B 173 -5.94 9.50 -11.38
C GLN B 173 -7.39 9.12 -11.18
N ILE B 174 -7.96 9.57 -10.07
CA ILE B 174 -9.36 9.35 -9.78
C ILE B 174 -10.25 10.06 -10.85
N ALA B 175 -10.04 11.39 -11.09
CA ALA B 175 -10.74 11.99 -12.23
C ALA B 175 -10.54 11.19 -13.55
N ALA B 176 -9.32 10.74 -13.88
CA ALA B 176 -9.09 10.03 -15.12
C ALA B 176 -9.87 8.69 -15.23
N ILE B 177 -10.04 7.98 -14.14
CA ILE B 177 -10.85 6.73 -14.22
C ILE B 177 -12.39 6.98 -14.27
N LEU B 178 -12.86 7.97 -13.50
CA LEU B 178 -14.19 8.54 -13.67
C LEU B 178 -14.57 8.99 -15.04
N CYS B 179 -13.69 9.59 -15.77
CA CYS B 179 -13.98 9.90 -17.15
C CYS B 179 -14.09 8.73 -18.01
N LEU B 180 -13.34 7.67 -17.67
CA LEU B 180 -13.46 6.42 -18.42
C LEU B 180 -14.75 5.75 -18.05
N MET B 181 -15.22 5.81 -16.78
CA MET B 181 -16.42 5.09 -16.43
C MET B 181 -17.64 5.85 -16.93
N PHE B 182 -17.54 7.18 -16.99
CA PHE B 182 -18.65 8.08 -17.44
C PHE B 182 -18.23 9.05 -18.57
N PRO B 183 -18.12 8.53 -19.83
CA PRO B 183 -17.50 9.22 -20.91
C PRO B 183 -18.21 10.43 -21.54
N GLU B 184 -19.47 10.63 -21.18
CA GLU B 184 -20.27 11.72 -21.79
C GLU B 184 -20.08 13.04 -21.01
N HIS B 185 -20.16 12.94 -19.66
CA HIS B 185 -20.05 13.99 -18.61
C HIS B 185 -19.01 15.02 -18.88
N ASP B 186 -19.19 16.23 -18.33
CA ASP B 186 -18.28 17.37 -18.63
C ASP B 186 -16.80 17.07 -19.20
N ASP B 187 -15.71 17.01 -18.39
CA ASP B 187 -15.64 17.00 -16.94
C ASP B 187 -14.14 16.69 -16.64
N PHE B 188 -13.67 16.51 -15.39
CA PHE B 188 -14.42 16.23 -14.12
C PHE B 188 -13.92 17.09 -12.93
C1 EDO C . 9.94 -5.43 -1.86
O1 EDO C . 8.70 -5.57 -2.63
C2 EDO C . 10.02 -3.97 -1.35
O2 EDO C . 8.69 -3.54 -1.00
C1 GOL D . 0.17 12.65 -18.00
O1 GOL D . -1.18 12.28 -17.84
C2 GOL D . 0.84 11.65 -18.93
O2 GOL D . 0.70 12.03 -20.30
C3 GOL D . 2.30 11.42 -18.54
O3 GOL D . 2.65 10.09 -18.84
C1 GOL E . -22.03 -9.12 -5.55
O1 GOL E . -22.66 -8.51 -4.42
C2 GOL E . -22.60 -8.74 -6.93
O2 GOL E . -23.99 -8.39 -6.96
C3 GOL E . -22.19 -9.75 -8.02
O3 GOL E . -20.89 -10.24 -7.75
C1 GOL F . -21.11 -5.59 -7.17
O1 GOL F . -20.37 -5.59 -5.94
C2 GOL F . -20.83 -4.41 -8.13
O2 GOL F . -21.81 -4.37 -9.14
C3 GOL F . -20.84 -3.06 -7.37
O3 GOL F . -21.24 -1.93 -8.15
#